data_1XKP
#
_entry.id   1XKP
#
_cell.length_a   60.718
_cell.length_b   60.718
_cell.length_c   140.419
_cell.angle_alpha   90.00
_cell.angle_beta   90.00
_cell.angle_gamma   90.00
#
_symmetry.space_group_name_H-M   'P 41'
#
loop_
_entity.id
_entity.type
_entity.pdbx_description
1 polymer 'putative membrane-bound Yop targeting protein YopN'
2 polymer 'Chaperone protein sycN'
3 polymer 'Chaperone protein yscB'
4 water water
#
loop_
_entity_poly.entity_id
_entity_poly.type
_entity_poly.pdbx_seq_one_letter_code
_entity_poly.pdbx_strand_id
1 'polypeptide(L)'
;(DMG)QFRGESVQIVSGTLQSIADMAEEVTFVFSER(MLY)ELSLD(MLY)R(MLY)LSDSQARVSDVEEQVNQYLS
(MLY)VPELEQ(MLY)QNVSELLSLLSNSPNISLSQL(MLY)AYLEG(MLY)SEEPSEQF(MLY)MLCGLRDAL(MLY)G
RPELAHLSHLVEQALVSMAEEQGETIVLGARITPEAYRESQSGVNPLQPLRDTYRDAVMGYQGIYAIWSDLQ(MLY)RFP
NGDIDSVILFLQ(MLY)ALSADLQSQQSGSGRE(MLY)LGIVISDLQ(MLY)L(MLY)EFGSVSDQV(MLY)G
;
A
2 'polypeptide(L)'
;MSWIEPIISHFCQDLGVPTSSPLSPLIQLEMAQSGTLQLEQHGATLTLWLARSLAWHRCEDAMV(MLY)ALTLTAAQ
(MLY)SGALPLRAGWLGESQLVLFVSLDERSLTLPLLHQAFEQLLRLQQEVLAPP
;
B
3 'polypeptide(L)'
;MQNLL(MLY)NLAASLGR(MLY)PFVAD(MLY)QGVYRLTID(MLY)HLVMLAPHGSELVLRTPIDAPMLREGNNVNVTL
LRSLMQQALAWAKRYPQTLVLDDCGQLVLEARLRLQELDTHGLQEVIN(MLY)QLALLEHLIPQLTPFSVASRVGWNHHH
HHH
;
C
#
# COMPACT_ATOMS: atom_id res chain seq x y z
N GLN A 2 -11.82 -13.21 38.65
CA GLN A 2 -11.86 -14.31 37.67
C GLN A 2 -12.48 -13.85 36.37
N PHE A 3 -12.08 -14.48 35.26
CA PHE A 3 -12.79 -14.33 33.99
C PHE A 3 -12.71 -15.63 33.25
N ARG A 4 -13.89 -16.21 33.00
CA ARG A 4 -14.02 -17.49 32.34
C ARG A 4 -13.10 -18.53 32.94
N GLY A 5 -13.15 -18.59 34.27
CA GLY A 5 -12.41 -19.57 35.02
C GLY A 5 -10.94 -19.28 35.28
N GLU A 6 -10.42 -18.18 34.72
CA GLU A 6 -9.02 -17.80 34.86
C GLU A 6 -8.93 -16.78 35.99
N SER A 7 -8.02 -16.98 36.93
CA SER A 7 -7.83 -16.01 38.02
C SER A 7 -7.23 -14.67 37.49
N VAL A 8 -7.68 -13.57 38.07
CA VAL A 8 -7.32 -12.23 37.69
C VAL A 8 -7.23 -11.39 38.96
N GLN A 9 -6.16 -10.60 39.10
CA GLN A 9 -6.02 -9.69 40.25
C GLN A 9 -5.21 -8.46 39.85
N ILE A 10 -5.52 -7.35 40.50
CA ILE A 10 -4.79 -6.06 40.33
C ILE A 10 -3.32 -6.12 40.81
N VAL A 11 -2.45 -5.36 40.17
CA VAL A 11 -1.13 -5.05 40.69
C VAL A 11 -1.04 -3.54 40.70
N SER A 12 -0.56 -3.01 41.83
CA SER A 12 -0.61 -1.58 42.08
C SER A 12 0.79 -1.04 42.05
N GLY A 13 0.86 0.26 42.32
CA GLY A 13 2.13 0.93 42.54
C GLY A 13 2.40 1.82 41.37
N THR A 14 3.56 2.45 41.41
CA THR A 14 4.08 3.15 40.26
C THR A 14 4.29 2.13 39.16
N LEU A 15 3.56 2.32 38.06
CA LEU A 15 3.61 1.43 36.94
C LEU A 15 4.07 2.26 35.73
N GLN A 16 4.57 1.57 34.70
CA GLN A 16 4.84 2.24 33.45
C GLN A 16 4.10 1.45 32.38
N SER A 17 3.57 2.19 31.43
CA SER A 17 2.86 1.62 30.33
C SER A 17 3.68 0.62 29.52
N ILE A 18 3.03 -0.48 29.15
CA ILE A 18 3.58 -1.46 28.22
C ILE A 18 4.09 -0.74 26.94
N ALA A 19 3.28 0.18 26.44
CA ALA A 19 3.61 0.94 25.24
C ALA A 19 4.82 1.86 25.46
N ASP A 20 4.86 2.54 26.60
CA ASP A 20 6.00 3.42 26.93
C ASP A 20 7.30 2.64 27.07
N MET A 21 7.21 1.40 27.54
CA MET A 21 8.40 0.57 27.61
C MET A 21 8.87 0.21 26.20
N ALA A 22 7.95 0.14 25.25
CA ALA A 22 8.28 -0.05 23.83
C ALA A 22 8.96 1.19 23.28
N GLU A 23 8.32 2.34 23.44
CA GLU A 23 8.82 3.61 22.92
C GLU A 23 10.17 3.95 23.51
N GLU A 24 10.45 3.40 24.69
CA GLU A 24 11.72 3.61 25.37
C GLU A 24 12.89 3.11 24.52
N VAL A 25 12.73 1.93 23.92
CA VAL A 25 13.86 1.26 23.26
C VAL A 25 13.72 1.15 21.75
N THR A 26 12.77 1.87 21.15
CA THR A 26 12.61 1.85 19.70
C THR A 26 12.84 3.24 19.09
N GLU A 34 5.21 17.06 11.28
CA GLU A 34 4.44 16.28 10.32
C GLU A 34 4.23 17.11 9.07
N LEU A 35 4.86 16.71 7.96
CA LEU A 35 4.69 17.40 6.67
C LEU A 35 3.26 17.20 6.17
N SER A 36 2.57 18.28 5.84
CA SER A 36 1.15 18.14 5.43
C SER A 36 0.92 18.05 3.95
N LEU A 37 -0.29 17.60 3.61
CA LEU A 37 -0.62 17.17 2.27
C LEU A 37 -0.38 18.22 1.22
N ASP A 38 -0.65 19.49 1.55
CA ASP A 38 -0.57 20.54 0.54
C ASP A 38 0.87 20.69 0.01
N ARG A 40 2.84 18.05 -0.63
CA ARG A 40 3.25 16.81 -1.25
C ARG A 40 2.69 16.68 -2.66
N LEU A 42 0.60 14.88 -5.28
CA LEU A 42 -0.56 14.02 -5.18
C LEU A 42 -1.17 13.81 -6.55
N SER A 43 -1.65 12.59 -6.77
CA SER A 43 -2.30 12.20 -8.03
C SER A 43 -3.45 11.29 -7.69
N ASP A 44 -4.57 11.47 -8.41
CA ASP A 44 -5.70 10.57 -8.35
C ASP A 44 -5.32 9.43 -9.27
N SER A 45 -4.94 8.30 -8.67
CA SER A 45 -4.42 7.16 -9.42
C SER A 45 -5.53 6.37 -10.09
N GLN A 46 -6.76 6.51 -9.58
CA GLN A 46 -7.90 5.92 -10.25
C GLN A 46 -8.12 6.60 -11.62
N ALA A 47 -8.08 7.92 -11.62
CA ALA A 47 -8.15 8.67 -12.88
C ALA A 47 -6.93 8.41 -13.77
N ARG A 48 -5.76 8.31 -13.17
CA ARG A 48 -4.53 8.14 -13.95
C ARG A 48 -4.54 6.77 -14.65
N VAL A 49 -4.89 5.72 -13.90
CA VAL A 49 -4.93 4.38 -14.51
C VAL A 49 -6.00 4.29 -15.63
N SER A 50 -7.15 4.89 -15.40
CA SER A 50 -8.19 4.92 -16.42
C SER A 50 -7.77 5.69 -17.67
N ASP A 51 -7.11 6.83 -17.49
CA ASP A 51 -6.58 7.68 -18.58
C ASP A 51 -5.52 6.97 -19.39
N VAL A 52 -4.57 6.34 -18.70
CA VAL A 52 -3.54 5.61 -19.42
C VAL A 52 -4.16 4.44 -20.23
N GLU A 53 -5.07 3.68 -19.63
CA GLU A 53 -5.66 2.55 -20.34
C GLU A 53 -6.43 3.03 -21.58
N GLU A 54 -7.17 4.14 -21.42
CA GLU A 54 -7.96 4.67 -22.53
C GLU A 54 -7.06 4.97 -23.71
N GLN A 55 -5.97 5.66 -23.39
CA GLN A 55 -4.99 6.08 -24.40
C GLN A 55 -4.34 4.86 -25.07
N VAL A 56 -3.98 3.83 -24.30
CA VAL A 56 -3.29 2.67 -24.80
C VAL A 56 -4.20 1.88 -25.70
N ASN A 57 -5.42 1.63 -25.22
CA ASN A 57 -6.37 0.83 -25.98
C ASN A 57 -6.66 1.45 -27.32
N GLN A 58 -6.80 2.76 -27.36
CA GLN A 58 -7.09 3.48 -28.58
C GLN A 58 -6.03 3.22 -29.65
N TYR A 59 -4.79 3.27 -29.28
CA TYR A 59 -3.72 3.03 -30.25
C TYR A 59 -3.56 1.57 -30.58
N LEU A 60 -3.70 0.69 -29.60
CA LEU A 60 -3.35 -0.69 -29.83
C LEU A 60 -4.42 -1.38 -30.66
N SER A 61 -5.60 -0.78 -30.70
CA SER A 61 -6.70 -1.22 -31.58
C SER A 61 -6.36 -1.05 -33.07
N VAL A 63 -3.66 -2.03 -34.57
CA VAL A 63 -2.58 -2.95 -34.88
C VAL A 63 -2.89 -4.28 -34.15
N PRO A 64 -3.98 -4.96 -34.58
CA PRO A 64 -4.51 -6.15 -33.90
C PRO A 64 -3.48 -7.29 -33.73
N GLU A 65 -2.53 -7.08 -32.81
CA GLU A 65 -1.39 -7.98 -32.61
C GLU A 65 -1.28 -8.39 -31.13
N LEU A 66 -2.01 -9.45 -30.81
CA LEU A 66 -2.52 -9.75 -29.47
C LEU A 66 -1.46 -10.03 -28.39
N GLU A 67 -1.92 -10.18 -27.16
CA GLU A 67 -1.09 -10.66 -26.06
C GLU A 67 -1.77 -11.81 -25.31
N GLN A 68 -2.71 -12.46 -25.98
CA GLN A 68 -3.54 -13.50 -25.35
C GLN A 68 -2.72 -14.66 -24.80
N GLN A 70 0.50 -14.56 -23.73
CA GLN A 70 1.21 -14.11 -22.53
C GLN A 70 0.27 -14.07 -21.34
N ASN A 71 -0.95 -13.59 -21.55
CA ASN A 71 -1.93 -13.48 -20.49
C ASN A 71 -2.22 -14.80 -19.76
N VAL A 72 -2.55 -15.82 -20.54
CA VAL A 72 -2.99 -17.08 -19.96
C VAL A 72 -1.79 -17.83 -19.39
N SER A 73 -0.62 -17.66 -20.01
CA SER A 73 0.63 -18.18 -19.45
C SER A 73 0.92 -17.49 -18.11
N GLU A 74 0.68 -16.18 -18.05
CA GLU A 74 0.74 -15.44 -16.79
C GLU A 74 -0.33 -15.90 -15.80
N LEU A 75 -1.55 -16.12 -16.30
CA LEU A 75 -2.63 -16.67 -15.47
C LEU A 75 -2.12 -17.94 -14.79
N LEU A 76 -1.59 -18.85 -15.61
CA LEU A 76 -1.04 -20.12 -15.13
C LEU A 76 -0.14 -19.89 -13.91
N SER A 77 0.80 -18.96 -14.05
CA SER A 77 1.69 -18.57 -12.94
C SER A 77 0.97 -17.66 -11.96
N LEU A 78 0.10 -18.24 -11.14
CA LEU A 78 -0.58 -17.52 -10.04
C LEU A 78 -1.55 -18.41 -9.27
N LEU A 79 -2.24 -19.29 -9.98
CA LEU A 79 -2.96 -20.41 -9.37
C LEU A 79 -2.03 -21.26 -8.50
N SER A 80 -0.78 -21.39 -8.93
CA SER A 80 0.26 -22.05 -8.17
C SER A 80 1.38 -21.05 -7.90
N ASN A 81 2.23 -20.83 -8.90
CA ASN A 81 3.38 -19.90 -8.82
C ASN A 81 3.97 -19.69 -7.42
N SER A 82 3.30 -18.87 -6.61
CA SER A 82 3.78 -18.53 -5.27
C SER A 82 2.73 -18.81 -4.20
N PRO A 83 3.18 -19.10 -2.97
CA PRO A 83 2.27 -19.05 -1.83
C PRO A 83 1.94 -17.58 -1.47
N ASN A 84 2.94 -16.70 -1.65
CA ASN A 84 2.83 -15.30 -1.28
C ASN A 84 3.32 -14.45 -2.43
N ILE A 85 2.38 -13.93 -3.21
CA ILE A 85 2.72 -13.25 -4.45
C ILE A 85 2.94 -11.78 -4.11
N SER A 86 4.07 -11.26 -4.57
CA SER A 86 4.42 -9.86 -4.35
C SER A 86 4.32 -9.11 -5.66
N LEU A 87 4.17 -7.79 -5.55
CA LEU A 87 4.18 -6.92 -6.71
C LEU A 87 5.48 -7.09 -7.52
N SER A 88 6.61 -7.16 -6.81
CA SER A 88 7.91 -7.25 -7.49
C SER A 88 8.00 -8.49 -8.36
N GLN A 89 7.47 -9.59 -7.85
CA GLN A 89 7.40 -10.83 -8.60
C GLN A 89 6.55 -10.67 -9.86
N LEU A 90 5.39 -10.03 -9.73
CA LEU A 90 4.50 -9.81 -10.86
C LEU A 90 5.16 -8.94 -11.91
N ALA A 92 8.32 -8.56 -12.44
CA ALA A 92 9.36 -9.37 -13.09
C ALA A 92 8.82 -10.29 -14.17
N TYR A 93 7.67 -10.91 -13.91
CA TYR A 93 7.06 -11.78 -14.90
C TYR A 93 6.61 -10.99 -16.13
N LEU A 94 6.03 -9.82 -15.91
CA LEU A 94 5.64 -8.98 -17.03
C LEU A 94 6.86 -8.62 -17.89
N GLU A 95 7.91 -8.19 -17.21
CA GLU A 95 9.14 -7.79 -17.87
C GLU A 95 9.81 -8.97 -18.59
N GLY A 96 9.58 -10.17 -18.05
CA GLY A 96 10.07 -11.38 -18.68
C GLY A 96 9.41 -11.64 -20.02
N SER A 98 7.76 -9.26 -21.97
CA SER A 98 8.03 -8.18 -22.90
C SER A 98 8.86 -7.10 -22.25
N GLU A 99 9.87 -6.60 -22.97
CA GLU A 99 10.65 -5.46 -22.50
C GLU A 99 9.97 -4.12 -22.72
N GLU A 100 8.86 -4.13 -23.44
CA GLU A 100 8.13 -2.90 -23.75
C GLU A 100 7.07 -2.61 -22.68
N PRO A 101 7.22 -1.48 -21.96
CA PRO A 101 6.27 -1.12 -20.92
C PRO A 101 4.82 -1.09 -21.36
N SER A 102 4.54 -0.61 -22.58
CA SER A 102 3.16 -0.60 -23.04
C SER A 102 2.53 -1.97 -23.22
N GLU A 103 3.35 -2.95 -23.58
CA GLU A 103 2.90 -4.35 -23.67
C GLU A 103 2.66 -4.96 -22.28
N GLN A 104 3.54 -4.63 -21.33
CA GLN A 104 3.40 -5.11 -19.94
C GLN A 104 2.08 -4.57 -19.38
N PHE A 105 1.79 -3.30 -19.63
CA PHE A 105 0.56 -2.69 -19.15
C PHE A 105 -0.66 -3.35 -19.80
N MET A 107 -0.83 -6.40 -20.98
CA MET A 107 -0.93 -7.74 -20.38
C MET A 107 -1.64 -7.69 -19.01
N LEU A 108 -1.31 -6.66 -18.21
CA LEU A 108 -1.96 -6.39 -16.92
C LEU A 108 -3.43 -6.15 -17.06
N CYS A 109 -3.83 -5.33 -18.03
CA CYS A 109 -5.24 -5.12 -18.27
C CYS A 109 -5.90 -6.44 -18.64
N GLY A 110 -5.24 -7.26 -19.47
CA GLY A 110 -5.76 -8.57 -19.84
C GLY A 110 -5.91 -9.52 -18.67
N LEU A 111 -4.90 -9.52 -17.80
CA LEU A 111 -4.99 -10.29 -16.54
C LEU A 111 -6.14 -9.87 -15.65
N ARG A 112 -6.31 -8.56 -15.44
CA ARG A 112 -7.40 -8.06 -14.63
C ARG A 112 -8.76 -8.56 -15.16
N ASP A 113 -8.94 -8.43 -16.46
CA ASP A 113 -10.18 -8.87 -17.09
C ASP A 113 -10.33 -10.38 -16.99
N ALA A 114 -9.22 -11.11 -17.12
CA ALA A 114 -9.22 -12.56 -16.92
C ALA A 114 -9.57 -12.99 -15.49
N LEU A 115 -9.40 -12.08 -14.52
CA LEU A 115 -9.70 -12.38 -13.13
C LEU A 115 -11.06 -11.83 -12.68
N GLY A 117 -13.99 -12.44 -13.82
CA GLY A 117 -14.60 -13.73 -13.57
C GLY A 117 -13.56 -14.60 -12.89
N ARG A 118 -13.64 -14.67 -11.56
CA ARG A 118 -12.92 -15.66 -10.73
C ARG A 118 -12.78 -15.08 -9.32
N PRO A 119 -13.88 -15.10 -8.55
CA PRO A 119 -13.94 -14.45 -7.23
C PRO A 119 -13.04 -15.11 -6.16
N GLU A 120 -12.62 -16.35 -6.41
CA GLU A 120 -11.65 -17.03 -5.53
C GLU A 120 -10.23 -16.49 -5.70
N LEU A 121 -10.00 -15.75 -6.79
CA LEU A 121 -8.70 -15.12 -7.05
C LEU A 121 -8.75 -13.60 -6.81
N ALA A 122 -9.65 -13.14 -5.95
CA ALA A 122 -9.79 -11.71 -5.69
C ALA A 122 -8.50 -11.09 -5.13
N HIS A 123 -7.72 -11.91 -4.41
CA HIS A 123 -6.41 -11.50 -3.91
C HIS A 123 -5.42 -11.18 -5.05
N LEU A 124 -5.49 -11.98 -6.10
CA LEU A 124 -4.72 -11.73 -7.33
C LEU A 124 -5.24 -10.51 -8.06
N SER A 125 -6.57 -10.36 -8.15
CA SER A 125 -7.16 -9.15 -8.72
C SER A 125 -6.60 -7.95 -7.98
N HIS A 126 -6.58 -8.01 -6.65
CA HIS A 126 -6.11 -6.86 -5.88
C HIS A 126 -4.67 -6.49 -6.23
N LEU A 127 -3.80 -7.49 -6.35
CA LEU A 127 -2.41 -7.24 -6.74
C LEU A 127 -2.27 -6.63 -8.13
N VAL A 128 -3.09 -7.09 -9.05
CA VAL A 128 -3.02 -6.61 -10.43
C VAL A 128 -3.43 -5.14 -10.46
N GLU A 129 -4.42 -4.80 -9.66
CA GLU A 129 -4.81 -3.39 -9.53
C GLU A 129 -3.67 -2.55 -8.99
N GLN A 130 -2.93 -3.08 -8.02
CA GLN A 130 -1.75 -2.37 -7.49
C GLN A 130 -0.71 -2.10 -8.56
N ALA A 131 -0.43 -3.13 -9.35
CA ALA A 131 0.57 -3.05 -10.44
C ALA A 131 0.13 -2.08 -11.52
N LEU A 132 -1.14 -2.09 -11.88
CA LEU A 132 -1.67 -1.14 -12.87
C LEU A 132 -1.46 0.28 -12.38
N VAL A 133 -1.74 0.51 -11.11
CA VAL A 133 -1.51 1.80 -10.50
C VAL A 133 -0.08 2.21 -10.55
N SER A 134 0.80 1.32 -10.11
CA SER A 134 2.23 1.61 -10.12
C SER A 134 2.72 1.93 -11.51
N MET A 135 2.35 1.12 -12.50
CA MET A 135 2.78 1.40 -13.85
C MET A 135 2.22 2.70 -14.39
N ALA A 136 0.93 2.97 -14.18
CA ALA A 136 0.37 4.22 -14.69
C ALA A 136 1.01 5.45 -14.03
N GLU A 137 1.31 5.35 -12.74
CA GLU A 137 1.91 6.47 -12.04
C GLU A 137 3.38 6.63 -12.34
N GLU A 138 4.14 5.54 -12.32
CA GLU A 138 5.59 5.67 -12.43
C GLU A 138 6.11 5.63 -13.86
N GLN A 139 5.32 5.03 -14.76
CA GLN A 139 5.73 4.80 -16.17
C GLN A 139 4.67 5.19 -17.17
N GLY A 140 3.70 6.02 -16.77
CA GLY A 140 2.59 6.36 -17.64
C GLY A 140 2.98 6.99 -18.97
N GLU A 141 3.92 7.93 -18.93
CA GLU A 141 4.34 8.58 -20.20
C GLU A 141 5.03 7.57 -21.11
N THR A 142 5.91 6.77 -20.52
CA THR A 142 6.63 5.74 -21.27
C THR A 142 5.64 4.76 -21.90
N ILE A 143 4.59 4.40 -21.17
CA ILE A 143 3.54 3.53 -21.67
C ILE A 143 2.73 4.14 -22.81
N VAL A 144 2.27 5.37 -22.63
CA VAL A 144 1.43 6.00 -23.63
C VAL A 144 2.23 6.22 -24.93
N LEU A 145 3.49 6.62 -24.82
CA LEU A 145 4.34 6.86 -26.02
C LEU A 145 4.60 5.54 -26.72
N GLY A 146 4.88 4.49 -25.98
CA GLY A 146 5.09 3.17 -26.59
C GLY A 146 3.91 2.64 -27.34
N ALA A 147 2.71 2.80 -26.77
CA ALA A 147 1.48 2.42 -27.49
C ALA A 147 1.28 3.35 -28.71
N ARG A 148 1.51 4.64 -28.51
CA ARG A 148 1.24 5.59 -29.59
C ARG A 148 2.05 5.25 -30.84
N ILE A 149 3.29 4.82 -30.64
CA ILE A 149 4.20 4.58 -31.80
C ILE A 149 4.10 3.16 -32.30
N THR A 150 3.45 2.28 -31.55
CA THR A 150 3.41 0.87 -31.95
C THR A 150 2.88 0.58 -33.38
N PRO A 151 1.72 1.15 -33.77
CA PRO A 151 1.27 0.92 -35.15
C PRO A 151 2.30 1.31 -36.21
N GLU A 152 2.91 2.49 -36.05
CA GLU A 152 3.88 2.99 -37.02
C GLU A 152 5.18 2.19 -36.99
N ALA A 153 5.62 1.84 -35.80
CA ALA A 153 6.81 0.99 -35.67
C ALA A 153 6.60 -0.40 -36.24
N TYR A 154 5.38 -0.94 -36.07
CA TYR A 154 5.09 -2.26 -36.59
C TYR A 154 5.05 -2.24 -38.13
N ARG A 155 4.41 -1.22 -38.71
CA ARG A 155 4.43 -1.08 -40.17
C ARG A 155 5.84 -0.96 -40.73
N GLU A 156 6.64 -0.10 -40.12
CA GLU A 156 8.03 0.03 -40.55
C GLU A 156 8.80 -1.32 -40.48
N SER A 157 8.71 -2.00 -39.33
CA SER A 157 9.49 -3.20 -39.11
C SER A 157 9.09 -4.36 -40.01
N GLN A 158 7.81 -4.41 -40.36
CA GLN A 158 7.27 -5.46 -41.24
C GLN A 158 7.64 -5.22 -42.71
N SER A 159 8.22 -4.06 -43.03
CA SER A 159 8.52 -3.69 -44.41
C SER A 159 9.99 -3.50 -44.68
N GLY A 160 10.85 -3.82 -43.73
CA GLY A 160 12.27 -3.61 -43.97
C GLY A 160 13.10 -4.21 -42.86
N VAL A 161 14.35 -3.77 -42.80
CA VAL A 161 15.31 -4.37 -41.88
C VAL A 161 15.46 -3.65 -40.52
N ASN A 162 14.54 -2.74 -40.21
CA ASN A 162 14.56 -2.01 -38.94
C ASN A 162 13.63 -2.65 -37.95
N PRO A 163 14.19 -3.24 -36.88
CA PRO A 163 13.31 -3.97 -35.97
C PRO A 163 12.39 -3.12 -35.07
N LEU A 164 11.34 -3.74 -34.56
CA LEU A 164 10.27 -3.04 -33.87
C LEU A 164 10.70 -2.36 -32.60
N GLN A 165 11.38 -3.07 -31.70
CA GLN A 165 11.68 -2.47 -30.40
C GLN A 165 12.61 -1.28 -30.52
N PRO A 166 13.72 -1.39 -31.28
CA PRO A 166 14.59 -0.19 -31.44
C PRO A 166 13.88 1.03 -32.04
N LEU A 167 12.92 0.81 -32.94
CA LEU A 167 12.16 1.91 -33.48
C LEU A 167 11.34 2.59 -32.38
N ARG A 168 10.69 1.76 -31.58
CA ARG A 168 9.84 2.29 -30.52
C ARG A 168 10.71 3.07 -29.51
N ASP A 169 11.84 2.51 -29.13
CA ASP A 169 12.72 3.13 -28.14
C ASP A 169 13.34 4.44 -28.67
N THR A 170 13.63 4.46 -29.96
CA THR A 170 14.24 5.62 -30.57
C THR A 170 13.25 6.79 -30.58
N TYR A 171 12.01 6.50 -30.97
CA TYR A 171 10.94 7.51 -30.94
C TYR A 171 10.72 8.03 -29.52
N ARG A 172 10.56 7.10 -28.57
CA ARG A 172 10.26 7.49 -27.18
C ARG A 172 11.40 8.33 -26.60
N ASP A 173 12.64 7.96 -26.88
CA ASP A 173 13.80 8.70 -26.35
C ASP A 173 13.84 10.10 -26.91
N ALA A 174 13.44 10.25 -28.17
CA ALA A 174 13.45 11.54 -28.83
C ALA A 174 12.43 12.47 -28.18
N VAL A 175 11.32 11.89 -27.74
CA VAL A 175 10.26 12.69 -27.10
C VAL A 175 10.62 12.99 -25.63
N MET A 176 11.09 11.98 -24.90
CA MET A 176 11.24 12.13 -23.44
C MET A 176 12.57 12.71 -23.01
N GLY A 177 13.61 12.52 -23.80
CA GLY A 177 14.94 12.94 -23.34
C GLY A 177 15.95 13.13 -24.44
N TYR A 178 15.64 14.00 -25.37
CA TYR A 178 16.49 14.26 -26.52
C TYR A 178 17.81 14.83 -26.05
N GLN A 179 18.93 14.33 -26.60
CA GLN A 179 20.28 14.74 -26.16
C GLN A 179 21.04 15.42 -27.28
N GLY A 180 20.32 15.74 -28.35
CA GLY A 180 20.84 16.51 -29.44
C GLY A 180 21.23 15.71 -30.64
N ILE A 181 21.67 16.42 -31.66
CA ILE A 181 21.79 15.86 -32.99
C ILE A 181 22.93 14.87 -33.10
N TYR A 182 24.07 15.16 -32.50
CA TYR A 182 25.15 14.22 -32.60
C TYR A 182 24.84 12.91 -31.83
N ALA A 183 24.20 13.02 -30.66
CA ALA A 183 23.82 11.86 -29.82
C ALA A 183 22.81 10.96 -30.54
N ILE A 184 21.80 11.58 -31.15
CA ILE A 184 20.79 10.73 -31.79
C ILE A 184 21.41 9.98 -32.96
N TRP A 185 22.37 10.59 -33.64
CA TRP A 185 23.03 9.95 -34.77
C TRP A 185 23.78 8.74 -34.26
N SER A 186 24.55 8.94 -33.20
CA SER A 186 25.24 7.85 -32.55
C SER A 186 24.31 6.72 -32.11
N ASP A 187 23.15 7.10 -31.53
CA ASP A 187 22.14 6.10 -31.12
C ASP A 187 21.60 5.33 -32.31
N LEU A 188 21.34 6.05 -33.42
CA LEU A 188 20.84 5.41 -34.65
C LEU A 188 21.86 4.40 -35.16
N GLN A 189 23.16 4.73 -35.10
CA GLN A 189 24.20 3.79 -35.58
C GLN A 189 24.32 2.57 -34.69
N ARG A 191 21.90 1.40 -32.74
CA ARG A 191 20.66 0.61 -32.79
C ARG A 191 20.36 -0.05 -34.13
N PHE A 192 20.82 0.54 -35.23
CA PHE A 192 20.52 0.06 -36.57
C PHE A 192 21.79 -0.05 -37.42
N PRO A 193 22.82 -0.75 -36.90
CA PRO A 193 24.08 -0.82 -37.61
C PRO A 193 23.97 -1.48 -38.99
N ASN A 194 23.03 -2.42 -39.13
CA ASN A 194 22.82 -3.08 -40.41
C ASN A 194 21.45 -2.79 -41.01
N GLY A 195 20.80 -1.78 -40.44
CA GLY A 195 19.49 -1.33 -40.84
C GLY A 195 19.46 -0.32 -41.97
N ASP A 196 18.35 0.40 -42.06
CA ASP A 196 18.16 1.45 -43.04
C ASP A 196 17.92 2.74 -42.28
N ILE A 197 18.98 3.46 -41.95
CA ILE A 197 18.82 4.63 -41.10
C ILE A 197 18.00 5.76 -41.77
N ASP A 198 18.06 5.86 -43.11
CA ASP A 198 17.27 6.88 -43.79
C ASP A 198 15.81 6.62 -43.51
N SER A 199 15.45 5.33 -43.54
CA SER A 199 14.07 4.95 -43.27
C SER A 199 13.63 5.18 -41.80
N VAL A 200 14.54 4.93 -40.87
CA VAL A 200 14.29 5.29 -39.49
C VAL A 200 14.05 6.79 -39.33
N ILE A 201 14.93 7.59 -39.94
CA ILE A 201 14.75 9.03 -39.90
C ILE A 201 13.39 9.47 -40.43
N LEU A 202 12.97 8.95 -41.56
CA LEU A 202 11.68 9.30 -42.12
C LEU A 202 10.54 8.86 -41.16
N PHE A 203 10.65 7.67 -40.58
CA PHE A 203 9.68 7.20 -39.57
C PHE A 203 9.56 8.18 -38.42
N LEU A 204 10.70 8.67 -37.94
CA LEU A 204 10.71 9.67 -36.87
C LEU A 204 10.11 11.03 -37.30
N GLN A 205 10.49 11.50 -38.47
CA GLN A 205 10.04 12.82 -38.98
C GLN A 205 8.51 12.81 -39.04
N ALA A 207 6.30 10.63 -37.40
CA ALA A 207 5.68 10.53 -36.05
C ALA A 207 5.80 11.83 -35.29
N LEU A 208 7.00 12.45 -35.29
CA LEU A 208 7.13 13.65 -34.52
C LEU A 208 6.36 14.84 -35.10
N SER A 209 6.26 14.90 -36.43
CA SER A 209 5.54 15.99 -37.08
C SER A 209 4.04 15.81 -36.80
N ALA A 210 3.56 14.57 -36.77
CA ALA A 210 2.21 14.32 -36.36
C ALA A 210 1.97 14.81 -34.91
N ASP A 211 2.88 14.47 -34.01
CA ASP A 211 2.85 14.94 -32.63
C ASP A 211 2.73 16.45 -32.58
N LEU A 212 3.46 17.11 -33.46
CA LEU A 212 3.57 18.56 -33.45
C LEU A 212 2.22 19.17 -33.77
N GLN A 213 1.46 18.53 -34.65
CA GLN A 213 0.17 19.07 -35.08
C GLN A 213 -0.84 19.17 -33.94
N SER A 214 -0.64 18.42 -32.87
CA SER A 214 -1.55 18.45 -31.71
C SER A 214 -1.02 19.22 -30.49
N GLN A 215 0.23 19.68 -30.57
CA GLN A 215 0.88 20.31 -29.43
C GLN A 215 0.54 21.82 -29.45
N GLN A 216 -0.24 22.29 -28.47
CA GLN A 216 -0.70 23.69 -28.45
C GLN A 216 0.09 24.56 -27.48
N SER A 217 1.28 24.09 -27.11
CA SER A 217 1.92 24.54 -25.86
C SER A 217 2.68 25.86 -25.97
N GLY A 218 3.50 25.99 -27.00
CA GLY A 218 4.55 27.00 -27.05
C GLY A 218 5.88 26.33 -26.77
N SER A 219 6.08 25.89 -25.53
CA SER A 219 7.28 25.14 -25.15
C SER A 219 7.32 23.77 -25.83
N GLY A 220 6.18 23.11 -25.90
CA GLY A 220 6.07 21.81 -26.55
C GLY A 220 6.32 21.86 -28.03
N ARG A 221 5.76 22.86 -28.70
CA ARG A 221 6.00 23.07 -30.15
C ARG A 221 7.47 23.32 -30.42
N GLU A 222 8.10 24.14 -29.57
CA GLU A 222 9.51 24.46 -29.73
C GLU A 222 10.43 23.24 -29.55
N LEU A 224 9.73 19.90 -29.90
CA LEU A 224 9.59 19.07 -31.07
C LEU A 224 10.19 19.69 -32.32
N GLY A 225 10.05 21.01 -32.46
CA GLY A 225 10.69 21.75 -33.54
C GLY A 225 12.18 21.49 -33.66
N ILE A 226 12.88 21.56 -32.52
CA ILE A 226 14.33 21.29 -32.48
C ILE A 226 14.66 19.91 -33.05
N VAL A 227 13.94 18.86 -32.58
CA VAL A 227 14.27 17.52 -33.06
C VAL A 227 13.97 17.39 -34.53
N ILE A 228 12.83 17.95 -34.93
CA ILE A 228 12.42 17.93 -36.32
C ILE A 228 13.42 18.64 -37.24
N SER A 229 13.86 19.82 -36.84
CA SER A 229 14.91 20.56 -37.55
C SER A 229 16.20 19.73 -37.64
N ASP A 230 16.59 19.09 -36.54
CA ASP A 230 17.81 18.29 -36.51
C ASP A 230 17.71 17.08 -37.46
N LEU A 231 16.57 16.39 -37.44
CA LEU A 231 16.36 15.26 -38.33
C LEU A 231 16.49 15.63 -39.80
N GLN A 232 16.04 16.80 -40.20
CA GLN A 232 16.16 17.23 -41.59
C GLN A 232 17.65 17.23 -41.97
N LEU A 234 20.14 15.53 -40.51
CA LEU A 234 20.69 14.17 -40.46
C LEU A 234 20.31 13.32 -41.69
N GLU A 236 20.55 14.34 -44.48
CA GLU A 236 21.62 14.66 -45.45
C GLU A 236 22.97 14.00 -45.15
N PHE A 237 23.01 13.11 -44.16
CA PHE A 237 24.16 12.24 -44.00
C PHE A 237 24.13 11.11 -45.06
N GLY A 238 23.00 10.95 -45.75
CA GLY A 238 22.96 10.07 -46.93
C GLY A 238 21.69 10.15 -47.79
N SER B 2 -10.21 11.95 37.31
CA SER B 2 -10.72 11.27 36.10
C SER B 2 -12.20 10.94 36.25
N TRP B 3 -12.98 11.34 35.25
CA TRP B 3 -14.41 11.08 35.23
C TRP B 3 -14.75 9.66 34.79
N ILE B 4 -13.82 8.98 34.09
CA ILE B 4 -14.07 7.61 33.60
C ILE B 4 -13.81 6.54 34.66
N GLU B 5 -13.31 6.96 35.81
CA GLU B 5 -13.06 6.04 36.92
C GLU B 5 -14.22 5.08 37.25
N PRO B 6 -15.47 5.59 37.28
CA PRO B 6 -16.60 4.71 37.56
C PRO B 6 -16.74 3.56 36.58
N ILE B 7 -16.47 3.80 35.30
CA ILE B 7 -16.56 2.77 34.29
C ILE B 7 -15.46 1.73 34.55
N ILE B 8 -14.24 2.20 34.82
CA ILE B 8 -13.12 1.28 35.04
C ILE B 8 -13.32 0.51 36.34
N SER B 9 -13.73 1.21 37.39
CA SER B 9 -14.05 0.57 38.64
C SER B 9 -15.10 -0.51 38.47
N HIS B 10 -16.14 -0.19 37.69
CA HIS B 10 -17.25 -1.13 37.51
C HIS B 10 -16.81 -2.33 36.71
N PHE B 11 -16.04 -2.09 35.66
CA PHE B 11 -15.43 -3.17 34.88
C PHE B 11 -14.64 -4.15 35.78
N CYS B 12 -13.80 -3.58 36.64
CA CYS B 12 -12.95 -4.39 37.55
C CYS B 12 -13.86 -5.16 38.50
N GLN B 13 -14.89 -4.51 39.05
CA GLN B 13 -15.83 -5.20 39.93
C GLN B 13 -16.58 -6.35 39.20
N ASP B 14 -16.87 -6.18 37.92
CA ASP B 14 -17.50 -7.23 37.12
C ASP B 14 -16.56 -8.47 36.99
N LEU B 15 -15.25 -8.24 37.06
CA LEU B 15 -14.27 -9.34 37.11
C LEU B 15 -13.97 -9.80 38.52
N GLY B 16 -14.71 -9.29 39.50
CA GLY B 16 -14.49 -9.64 40.89
C GLY B 16 -13.24 -9.04 41.51
N VAL B 17 -12.77 -7.92 40.95
CA VAL B 17 -11.60 -7.22 41.43
C VAL B 17 -12.03 -5.90 42.08
N PRO B 18 -12.10 -5.85 43.42
CA PRO B 18 -12.27 -4.56 44.10
C PRO B 18 -11.12 -3.58 43.83
N THR B 19 -11.45 -2.30 43.80
CA THR B 19 -10.45 -1.24 43.69
C THR B 19 -10.82 -0.12 44.66
N SER B 20 -9.81 0.58 45.14
CA SER B 20 -10.00 1.73 46.02
C SER B 20 -10.00 3.00 45.17
N SER B 21 -10.80 3.97 45.60
CA SER B 21 -10.88 5.23 44.88
C SER B 21 -9.95 6.23 45.54
N PRO B 22 -9.25 7.07 44.75
CA PRO B 22 -9.33 7.16 43.30
C PRO B 22 -8.49 6.09 42.61
N LEU B 23 -8.85 5.78 41.38
CA LEU B 23 -8.08 4.83 40.55
C LEU B 23 -6.93 5.58 39.91
N SER B 24 -5.81 4.89 39.72
CA SER B 24 -4.73 5.40 38.89
C SER B 24 -5.17 5.55 37.41
N PRO B 25 -4.53 6.48 36.64
CA PRO B 25 -4.66 6.52 35.16
C PRO B 25 -4.13 5.30 34.43
N LEU B 26 -3.35 4.48 35.12
CA LEU B 26 -2.89 3.20 34.59
C LEU B 26 -3.28 2.16 35.62
N ILE B 27 -4.15 1.22 35.21
CA ILE B 27 -4.59 0.08 36.03
C ILE B 27 -4.00 -1.15 35.37
N GLN B 28 -3.44 -2.05 36.18
CA GLN B 28 -2.84 -3.27 35.66
C GLN B 28 -3.51 -4.46 36.29
N LEU B 29 -4.06 -5.34 35.46
CA LEU B 29 -4.70 -6.58 35.90
C LEU B 29 -3.88 -7.75 35.39
N GLU B 30 -3.48 -8.63 36.30
CA GLU B 30 -2.71 -9.79 35.93
C GLU B 30 -3.58 -11.02 35.84
N MET B 31 -3.56 -11.64 34.66
CA MET B 31 -4.35 -12.83 34.38
C MET B 31 -3.45 -14.05 34.39
N ALA B 32 -3.91 -15.11 35.05
CA ALA B 32 -3.06 -16.25 35.35
C ALA B 32 -2.41 -16.86 34.10
N GLN B 33 -3.18 -16.97 33.02
CA GLN B 33 -2.67 -17.51 31.76
C GLN B 33 -2.49 -16.42 30.70
N SER B 34 -3.43 -15.49 30.59
CA SER B 34 -3.52 -14.60 29.43
C SER B 34 -2.51 -13.47 29.47
N GLY B 35 -1.94 -13.23 30.66
CA GLY B 35 -0.87 -12.23 30.79
C GLY B 35 -1.29 -11.00 31.52
N THR B 36 -0.68 -9.87 31.12
CA THR B 36 -0.85 -8.63 31.77
C THR B 36 -1.75 -7.74 30.95
N LEU B 37 -2.87 -7.35 31.55
CA LEU B 37 -3.76 -6.38 30.95
C LEU B 37 -3.55 -5.01 31.58
N GLN B 38 -3.27 -3.98 30.78
CA GLN B 38 -3.24 -2.61 31.30
C GLN B 38 -4.36 -1.78 30.68
N LEU B 39 -5.03 -0.99 31.51
CA LEU B 39 -6.03 -0.02 31.04
C LEU B 39 -5.39 1.37 31.23
N GLU B 40 -4.97 2.02 30.14
CA GLU B 40 -4.21 3.26 30.25
C GLU B 40 -4.99 4.44 29.68
N GLN B 41 -5.18 5.47 30.50
CA GLN B 41 -5.82 6.69 30.05
C GLN B 41 -4.68 7.54 29.61
N HIS B 42 -4.69 7.94 28.36
CA HIS B 42 -3.69 8.84 27.82
C HIS B 42 -4.38 9.80 26.86
N GLY B 43 -4.18 11.09 27.11
CA GLY B 43 -4.89 12.15 26.39
C GLY B 43 -6.38 11.96 26.58
N ALA B 44 -7.11 11.88 25.47
CA ALA B 44 -8.55 11.61 25.49
C ALA B 44 -8.81 10.20 25.01
N THR B 45 -7.88 9.27 25.31
CA THR B 45 -7.99 7.90 24.87
C THR B 45 -7.91 6.95 26.06
N LEU B 46 -8.65 5.84 26.01
CA LEU B 46 -8.38 4.68 26.87
C LEU B 46 -7.88 3.55 25.98
N THR B 47 -6.64 3.12 26.21
CA THR B 47 -6.09 1.99 25.51
C THR B 47 -5.90 0.79 26.44
N LEU B 48 -6.42 -0.34 25.98
CA LEU B 48 -6.16 -1.67 26.57
C LEU B 48 -4.97 -2.32 25.92
N TRP B 49 -3.93 -2.59 26.71
CA TRP B 49 -2.75 -3.34 26.26
C TRP B 49 -2.73 -4.68 26.96
N LEU B 50 -2.62 -5.75 26.18
CA LEU B 50 -2.62 -7.12 26.69
C LEU B 50 -1.36 -7.80 26.24
N ALA B 51 -0.44 -7.97 27.20
CA ALA B 51 0.88 -8.49 26.90
C ALA B 51 1.08 -9.90 27.46
N ARG B 52 1.66 -10.79 26.65
CA ARG B 52 1.93 -12.16 27.09
C ARG B 52 3.26 -12.69 26.59
N SER B 53 4.04 -13.22 27.51
CA SER B 53 5.34 -13.78 27.15
C SER B 53 5.15 -15.18 26.59
N LEU B 54 5.79 -15.45 25.46
CA LEU B 54 5.65 -16.74 24.80
C LEU B 54 6.95 -17.51 24.82
N ALA B 55 6.84 -18.83 24.93
CA ALA B 55 7.99 -19.70 24.72
C ALA B 55 8.51 -19.52 23.29
N TRP B 56 9.81 -19.68 23.14
CA TRP B 56 10.50 -19.35 21.88
C TRP B 56 9.89 -20.02 20.65
N HIS B 57 9.48 -21.29 20.82
CA HIS B 57 8.95 -22.07 19.71
C HIS B 57 7.52 -21.69 19.34
N ARG B 58 6.94 -20.75 20.11
CA ARG B 58 5.58 -20.25 19.87
C ARG B 58 5.56 -18.85 19.25
N CYS B 59 6.71 -18.22 19.14
CA CYS B 59 6.78 -16.79 18.80
C CYS B 59 6.54 -16.47 17.30
N GLU B 60 7.17 -17.24 16.40
CA GLU B 60 7.06 -16.97 14.98
C GLU B 60 5.63 -17.06 14.45
N ASP B 61 4.96 -18.15 14.80
CA ASP B 61 3.59 -18.38 14.32
C ASP B 61 2.64 -17.34 14.89
N ALA B 62 2.86 -16.94 16.15
CA ALA B 62 2.05 -15.90 16.80
C ALA B 62 2.19 -14.55 16.10
N MET B 63 3.42 -14.15 15.81
CA MET B 63 3.65 -12.94 15.02
C MET B 63 2.84 -12.95 13.73
N VAL B 64 3.01 -13.99 12.92
CA VAL B 64 2.31 -14.06 11.64
C VAL B 64 0.79 -14.07 11.79
N ALA B 66 -1.04 -12.99 14.35
CA ALA B 66 -1.50 -11.72 14.91
C ALA B 66 -1.60 -10.64 13.85
N LEU B 67 -0.62 -10.59 12.96
CA LEU B 67 -0.65 -9.65 11.82
C LEU B 67 -1.72 -10.01 10.83
N THR B 68 -1.92 -11.30 10.60
CA THR B 68 -2.91 -11.76 9.64
C THR B 68 -4.33 -11.50 10.17
N LEU B 69 -4.55 -11.77 11.46
CA LEU B 69 -5.91 -11.70 12.02
C LEU B 69 -6.36 -10.31 12.45
N THR B 70 -5.48 -9.33 12.34
CA THR B 70 -5.84 -7.93 12.62
C THR B 70 -6.02 -7.09 11.34
N ALA B 71 -5.82 -7.71 10.18
CA ALA B 71 -6.15 -7.06 8.94
C ALA B 71 -7.63 -6.68 9.02
N ALA B 72 -7.97 -5.50 8.48
CA ALA B 72 -9.38 -5.04 8.50
C ALA B 72 -10.39 -6.06 7.96
N GLN B 73 -10.03 -6.72 6.86
CA GLN B 73 -10.87 -7.75 6.22
C GLN B 73 -11.18 -8.90 7.17
N SER B 75 -11.27 -8.57 10.60
CA SER B 75 -11.54 -8.02 11.91
C SER B 75 -13.02 -7.84 12.22
N GLY B 76 -13.32 -7.55 13.48
CA GLY B 76 -14.70 -7.26 13.90
C GLY B 76 -14.95 -5.77 14.07
N ALA B 77 -15.79 -5.43 15.05
CA ALA B 77 -16.23 -4.07 15.25
C ALA B 77 -15.13 -3.18 15.80
N LEU B 78 -14.15 -3.77 16.46
CA LEU B 78 -13.14 -2.97 17.17
C LEU B 78 -11.80 -2.97 16.44
N PRO B 79 -11.07 -1.85 16.53
CA PRO B 79 -9.76 -1.76 15.87
C PRO B 79 -8.64 -2.40 16.69
N LEU B 80 -8.68 -3.73 16.82
CA LEU B 80 -7.66 -4.46 17.58
C LEU B 80 -6.37 -4.39 16.76
N ARG B 81 -5.26 -4.17 17.43
CA ARG B 81 -3.97 -4.08 16.75
C ARG B 81 -2.99 -4.99 17.45
N ALA B 82 -1.91 -5.31 16.76
CA ALA B 82 -0.86 -6.21 17.27
C ALA B 82 0.54 -5.57 17.23
N GLY B 83 1.33 -5.91 18.23
CA GLY B 83 2.71 -5.46 18.36
C GLY B 83 3.47 -6.46 19.19
N TRP B 84 4.66 -6.05 19.60
CA TRP B 84 5.58 -6.96 20.25
C TRP B 84 6.48 -6.15 21.17
N LEU B 85 6.90 -6.74 22.28
CA LEU B 85 7.79 -6.07 23.22
C LEU B 85 8.95 -6.99 23.52
N GLY B 86 10.16 -6.50 23.23
CA GLY B 86 11.37 -7.26 23.46
C GLY B 86 11.42 -8.61 22.75
N GLU B 87 12.14 -9.53 23.38
CA GLU B 87 12.34 -10.87 22.86
C GLU B 87 11.05 -11.64 22.54
N SER B 88 10.11 -11.68 23.49
CA SER B 88 9.09 -12.74 23.48
C SER B 88 7.67 -12.36 23.89
N GLN B 89 7.38 -11.07 24.04
CA GLN B 89 6.02 -10.68 24.46
C GLN B 89 5.12 -10.25 23.30
N LEU B 90 4.09 -11.05 23.04
CA LEU B 90 3.06 -10.63 22.10
C LEU B 90 2.20 -9.61 22.80
N VAL B 91 1.98 -8.48 22.16
CA VAL B 91 1.12 -7.42 22.69
C VAL B 91 -0.03 -7.14 21.73
N LEU B 92 -1.25 -7.28 22.25
CA LEU B 92 -2.46 -6.94 21.51
C LEU B 92 -3.15 -5.81 22.17
N PHE B 93 -3.71 -4.89 21.38
CA PHE B 93 -4.21 -3.65 21.96
C PHE B 93 -5.33 -3.01 21.16
N VAL B 94 -6.11 -2.20 21.85
CA VAL B 94 -7.15 -1.42 21.23
C VAL B 94 -7.34 -0.11 21.98
N SER B 95 -7.44 0.96 21.19
CA SER B 95 -7.69 2.31 21.70
C SER B 95 -9.16 2.69 21.53
N LEU B 96 -9.68 3.28 22.60
CA LEU B 96 -11.03 3.73 22.69
C LEU B 96 -11.09 5.22 23.02
N ASP B 97 -11.89 5.96 22.26
CA ASP B 97 -12.12 7.40 22.50
C ASP B 97 -12.84 7.61 23.81
N GLU B 98 -12.27 8.42 24.68
CA GLU B 98 -12.81 8.65 26.03
C GLU B 98 -14.22 9.20 26.01
N ARG B 99 -14.49 10.07 25.03
CA ARG B 99 -15.74 10.82 24.98
C ARG B 99 -16.94 9.93 24.63
N SER B 100 -16.71 8.73 24.10
CA SER B 100 -17.83 7.80 23.82
C SER B 100 -17.67 6.43 24.52
N LEU B 101 -16.82 6.39 25.52
CA LEU B 101 -16.58 5.13 26.26
C LEU B 101 -17.79 4.79 27.09
N THR B 102 -18.16 3.51 27.09
CA THR B 102 -19.23 2.98 27.93
C THR B 102 -18.72 1.68 28.55
N LEU B 103 -19.35 1.22 29.61
CA LEU B 103 -18.99 -0.05 30.20
C LEU B 103 -19.18 -1.23 29.24
N PRO B 104 -20.31 -1.27 28.49
CA PRO B 104 -20.38 -2.38 27.51
C PRO B 104 -19.26 -2.35 26.47
N LEU B 105 -18.86 -1.16 26.05
CA LEU B 105 -17.75 -1.03 25.09
C LEU B 105 -16.42 -1.55 25.67
N LEU B 106 -16.11 -1.10 26.87
CA LEU B 106 -14.94 -1.59 27.57
C LEU B 106 -14.97 -3.12 27.73
N HIS B 107 -16.11 -3.70 28.11
CA HIS B 107 -16.19 -5.18 28.24
C HIS B 107 -15.93 -5.88 26.92
N GLN B 108 -16.43 -5.35 25.82
CA GLN B 108 -16.23 -6.04 24.54
C GLN B 108 -14.82 -5.85 24.03
N ALA B 109 -14.21 -4.71 24.31
CA ALA B 109 -12.79 -4.50 23.99
C ALA B 109 -11.91 -5.56 24.68
N PHE B 110 -12.10 -5.74 25.98
CA PHE B 110 -11.42 -6.79 26.75
C PHE B 110 -11.69 -8.19 26.16
N GLU B 111 -12.98 -8.51 25.92
CA GLU B 111 -13.35 -9.87 25.51
C GLU B 111 -12.79 -10.15 24.12
N GLN B 112 -12.76 -9.11 23.28
CA GLN B 112 -12.33 -9.33 21.89
C GLN B 112 -10.81 -9.41 21.82
N LEU B 113 -10.12 -8.76 22.75
CA LEU B 113 -8.66 -8.95 22.85
C LEU B 113 -8.30 -10.38 23.30
N LEU B 114 -9.03 -10.91 24.26
CA LEU B 114 -8.78 -12.29 24.71
C LEU B 114 -9.09 -13.29 23.63
N ARG B 115 -10.19 -13.08 22.94
CA ARG B 115 -10.55 -13.94 21.84
C ARG B 115 -9.48 -13.96 20.76
N LEU B 116 -9.00 -12.79 20.37
CA LEU B 116 -7.91 -12.66 19.42
C LEU B 116 -6.68 -13.41 19.89
N GLN B 117 -6.25 -13.13 21.13
CA GLN B 117 -5.10 -13.85 21.65
C GLN B 117 -5.23 -15.36 21.51
N GLN B 118 -6.43 -15.85 21.82
CA GLN B 118 -6.76 -17.27 21.79
C GLN B 118 -6.67 -17.86 20.37
N GLU B 119 -7.19 -17.14 19.38
CA GLU B 119 -7.06 -17.53 17.96
C GLU B 119 -5.61 -17.44 17.52
N VAL B 120 -4.92 -16.41 17.97
CA VAL B 120 -3.50 -16.25 17.61
C VAL B 120 -2.64 -17.42 18.10
N LEU B 121 -2.95 -17.97 19.27
CA LEU B 121 -2.15 -19.04 19.88
C LEU B 121 -2.69 -20.45 19.68
N ALA B 122 -3.87 -20.58 19.09
CA ALA B 122 -4.44 -21.89 18.75
C ALA B 122 -3.46 -22.73 17.94
N GLN C 2 -18.63 10.81 -1.85
CA GLN C 2 -18.15 11.07 -0.45
C GLN C 2 -17.83 12.56 -0.19
N ASN C 3 -18.64 13.17 0.68
CA ASN C 3 -18.46 14.55 1.13
C ASN C 3 -17.03 14.83 1.60
N LEU C 4 -16.45 13.92 2.38
CA LEU C 4 -15.08 14.16 2.91
C LEU C 4 -14.05 14.24 1.80
N LEU C 5 -14.18 13.37 0.80
CA LEU C 5 -13.17 13.35 -0.26
C LEU C 5 -13.38 14.54 -1.21
N ASN C 7 -14.51 17.41 -0.09
CA ASN C 7 -13.92 18.50 0.70
C ASN C 7 -12.40 18.49 0.63
N LEU C 8 -11.79 17.32 0.74
CA LEU C 8 -10.31 17.25 0.70
C LEU C 8 -9.79 17.67 -0.67
N ALA C 9 -10.35 17.11 -1.75
CA ALA C 9 -9.98 17.56 -3.08
C ALA C 9 -10.06 19.10 -3.22
N ALA C 10 -11.18 19.67 -2.83
CA ALA C 10 -11.38 21.12 -2.95
C ALA C 10 -10.38 21.92 -2.11
N SER C 11 -10.03 21.40 -0.96
CA SER C 11 -9.12 22.09 -0.05
C SER C 11 -7.71 22.13 -0.62
N LEU C 12 -7.42 21.21 -1.53
CA LEU C 12 -6.13 21.09 -2.19
C LEU C 12 -6.17 21.77 -3.56
N GLY C 13 -7.32 22.33 -3.91
CA GLY C 13 -7.47 23.04 -5.16
C GLY C 13 -7.67 22.12 -6.36
N ARG C 14 -8.03 20.87 -6.11
CA ARG C 14 -8.10 19.86 -7.17
C ARG C 14 -9.49 19.47 -7.57
N PRO C 16 -12.54 16.89 -8.21
CA PRO C 16 -12.89 15.78 -7.33
C PRO C 16 -12.24 14.46 -7.72
N PHE C 17 -11.91 13.66 -6.70
CA PHE C 17 -11.32 12.34 -6.90
C PHE C 17 -12.39 11.34 -7.38
N VAL C 18 -11.94 10.36 -8.18
CA VAL C 18 -12.81 9.36 -8.75
C VAL C 18 -12.62 8.07 -8.01
N ALA C 19 -13.73 7.43 -7.65
CA ALA C 19 -13.73 6.11 -7.03
C ALA C 19 -13.89 5.01 -8.08
N ASP C 20 -13.42 3.81 -7.77
CA ASP C 20 -13.69 2.69 -8.62
C ASP C 20 -15.14 2.23 -8.35
N GLN C 22 -16.35 -0.20 -6.71
CA GLN C 22 -16.62 -0.58 -5.31
C GLN C 22 -16.48 0.59 -4.36
N GLY C 23 -16.21 1.79 -4.89
CA GLY C 23 -16.20 3.02 -4.12
C GLY C 23 -14.85 3.28 -3.48
N VAL C 24 -13.83 2.52 -3.89
CA VAL C 24 -12.46 2.70 -3.39
C VAL C 24 -11.80 3.83 -4.15
N TYR C 25 -11.12 4.73 -3.41
CA TYR C 25 -10.31 5.79 -3.97
C TYR C 25 -8.84 5.37 -3.88
N ARG C 26 -8.03 5.85 -4.81
CA ARG C 26 -6.62 5.52 -4.85
C ARG C 26 -5.88 6.83 -5.16
N LEU C 27 -5.05 7.25 -4.20
CA LEU C 27 -4.26 8.45 -4.34
C LEU C 27 -2.79 8.02 -4.24
N THR C 28 -1.96 8.53 -5.13
CA THR C 28 -0.52 8.37 -4.97
C THR C 28 0.06 9.69 -4.51
N ILE C 29 0.71 9.67 -3.35
CA ILE C 29 1.16 10.86 -2.66
C ILE C 29 2.66 10.67 -2.42
N ASP C 30 3.49 11.54 -2.98
CA ASP C 30 4.92 11.32 -2.98
C ASP C 30 5.30 9.83 -3.21
N HIS C 32 3.70 7.11 -2.90
CA HIS C 32 3.08 6.13 -2.00
C HIS C 32 1.63 6.01 -2.33
N LEU C 33 1.17 4.79 -2.57
CA LEU C 33 -0.26 4.56 -2.81
C LEU C 33 -1.02 4.55 -1.52
N VAL C 34 -2.07 5.37 -1.42
CA VAL C 34 -2.98 5.35 -0.27
C VAL C 34 -4.35 5.02 -0.87
N MET C 35 -4.81 3.81 -0.56
CA MET C 35 -6.17 3.39 -0.86
C MET C 35 -7.12 3.82 0.26
N LEU C 36 -8.28 4.35 -0.11
CA LEU C 36 -9.31 4.73 0.87
C LEU C 36 -10.57 3.98 0.51
N ALA C 37 -10.93 3.04 1.37
CA ALA C 37 -12.00 2.08 1.10
C ALA C 37 -13.05 2.13 2.21
N PRO C 38 -14.27 2.63 1.90
CA PRO C 38 -15.40 2.65 2.81
C PRO C 38 -15.94 1.23 3.01
N HIS C 39 -16.13 0.81 4.25
CA HIS C 39 -16.90 -0.41 4.55
C HIS C 39 -17.84 -0.15 5.67
N GLY C 40 -19.14 -0.21 5.38
CA GLY C 40 -20.12 0.13 6.35
C GLY C 40 -19.78 1.45 6.96
N SER C 41 -19.59 1.42 8.26
CA SER C 41 -19.38 2.58 9.07
C SER C 41 -17.91 2.96 9.24
N GLU C 42 -17.02 2.26 8.59
CA GLU C 42 -15.61 2.66 8.64
C GLU C 42 -15.14 3.11 7.31
N LEU C 43 -14.06 3.90 7.34
CA LEU C 43 -13.27 4.20 6.17
C LEU C 43 -11.90 3.62 6.49
N VAL C 44 -11.38 2.79 5.60
CA VAL C 44 -10.11 2.16 5.85
C VAL C 44 -9.06 2.65 4.88
N LEU C 45 -7.94 3.14 5.42
CA LEU C 45 -6.78 3.51 4.61
C LEU C 45 -5.83 2.35 4.53
N ARG C 46 -5.32 2.06 3.35
CA ARG C 46 -4.38 0.97 3.19
C ARG C 46 -3.27 1.36 2.25
N THR C 47 -2.03 1.05 2.63
CA THR C 47 -0.85 1.13 1.73
C THR C 47 -0.12 -0.20 1.82
N PRO C 48 -0.19 -1.00 0.73
CA PRO C 48 0.60 -2.21 0.61
C PRO C 48 2.06 -1.88 0.61
N ILE C 49 2.85 -2.65 1.34
CA ILE C 49 4.28 -2.43 1.37
C ILE C 49 5.02 -3.59 0.71
N ASP C 50 5.93 -3.27 -0.21
CA ASP C 50 6.88 -4.28 -0.73
C ASP C 50 8.06 -4.42 0.24
N ALA C 51 8.32 -5.65 0.65
CA ALA C 51 9.34 -5.96 1.65
C ALA C 51 10.07 -7.24 1.25
N PRO C 52 10.96 -7.16 0.25
CA PRO C 52 11.71 -8.32 -0.27
C PRO C 52 12.37 -9.16 0.83
N MET C 53 12.90 -8.52 1.86
CA MET C 53 13.58 -9.23 2.93
C MET C 53 12.63 -9.91 3.92
N LEU C 54 11.33 -9.67 3.76
CA LEU C 54 10.30 -10.28 4.61
C LEU C 54 10.38 -11.80 4.61
N ARG C 55 10.60 -12.37 3.43
CA ARG C 55 10.84 -13.81 3.32
C ARG C 55 11.87 -14.14 2.25
N GLU C 56 12.80 -15.03 2.61
CA GLU C 56 13.74 -15.60 1.66
C GLU C 56 13.17 -16.95 1.28
N GLY C 57 12.76 -17.09 0.02
CA GLY C 57 11.96 -18.22 -0.40
C GLY C 57 10.71 -18.27 0.47
N ASN C 58 10.56 -19.35 1.24
CA ASN C 58 9.41 -19.50 2.14
C ASN C 58 9.70 -19.01 3.56
N ASN C 59 10.98 -18.81 3.88
CA ASN C 59 11.40 -18.50 5.24
C ASN C 59 11.13 -17.05 5.60
N VAL C 60 10.19 -16.84 6.53
CA VAL C 60 9.90 -15.51 7.07
C VAL C 60 11.05 -15.00 7.93
N ASN C 61 11.47 -13.75 7.67
CA ASN C 61 12.48 -13.11 8.49
C ASN C 61 11.87 -12.65 9.81
N VAL C 62 12.08 -13.46 10.83
CA VAL C 62 11.53 -13.21 12.17
C VAL C 62 12.16 -11.98 12.82
N THR C 63 13.48 -11.85 12.73
CA THR C 63 14.15 -10.69 13.30
C THR C 63 13.52 -9.38 12.79
N LEU C 64 13.26 -9.32 11.48
CA LEU C 64 12.62 -8.14 10.89
C LEU C 64 11.17 -7.99 11.36
N LEU C 65 10.45 -9.10 11.39
CA LEU C 65 9.04 -9.05 11.75
C LEU C 65 8.91 -8.56 13.19
N ARG C 66 9.73 -9.13 14.07
CA ARG C 66 9.72 -8.70 15.45
C ARG C 66 10.04 -7.21 15.56
N SER C 67 11.02 -6.75 14.80
CA SER C 67 11.40 -5.34 14.83
C SER C 67 10.24 -4.45 14.37
N LEU C 68 9.60 -4.83 13.27
CA LEU C 68 8.45 -4.05 12.80
C LEU C 68 7.30 -4.06 13.82
N MET C 69 7.05 -5.19 14.50
CA MET C 69 5.93 -5.25 15.48
C MET C 69 6.24 -4.48 16.72
N GLN C 70 7.53 -4.46 17.08
CA GLN C 70 8.00 -3.62 18.17
C GLN C 70 7.75 -2.15 17.82
N GLN C 71 8.01 -1.74 16.58
CA GLN C 71 7.73 -0.37 16.16
C GLN C 71 6.23 -0.06 16.19
N ALA C 72 5.43 -1.02 15.75
CA ALA C 72 3.97 -0.88 15.74
C ALA C 72 3.45 -0.57 17.14
N LEU C 73 3.97 -1.23 18.15
CA LEU C 73 3.61 -0.91 19.53
C LEU C 73 4.13 0.45 19.92
N ALA C 74 5.36 0.74 19.55
CA ALA C 74 5.94 2.02 19.92
C ALA C 74 5.17 3.21 19.37
N TRP C 75 4.56 3.09 18.19
CA TRP C 75 3.78 4.23 17.60
C TRP C 75 2.31 4.27 18.02
N ALA C 76 1.83 3.25 18.73
CA ALA C 76 0.43 3.05 18.93
C ALA C 76 -0.27 4.18 19.64
N LYS C 77 0.39 4.83 20.59
CA LYS C 77 -0.31 5.87 21.35
C LYS C 77 -0.60 7.11 20.49
N ARG C 78 0.28 7.39 19.54
CA ARG C 78 0.22 8.63 18.74
C ARG C 78 -0.30 8.47 17.31
N TYR C 79 -0.31 7.22 16.81
CA TYR C 79 -0.73 6.91 15.41
C TYR C 79 -1.75 5.81 15.47
N PRO C 80 -2.80 5.89 14.65
CA PRO C 80 -3.83 4.87 14.71
C PRO C 80 -3.56 3.67 13.82
N GLN C 81 -2.52 3.77 13.01
CA GLN C 81 -2.17 2.75 12.03
C GLN C 81 -1.87 1.40 12.66
N THR C 82 -2.18 0.37 11.88
CA THR C 82 -2.03 -1.02 12.25
C THR C 82 -1.12 -1.61 11.17
N LEU C 83 -0.13 -2.38 11.55
CA LEU C 83 0.66 -3.13 10.57
C LEU C 83 0.05 -4.54 10.48
N VAL C 84 -0.25 -5.01 9.27
CA VAL C 84 -0.91 -6.29 9.09
C VAL C 84 -0.35 -7.07 7.90
N LEU C 85 -0.77 -8.33 7.77
CA LEU C 85 -0.45 -9.12 6.56
C LEU C 85 -1.74 -9.37 5.82
N ASP C 86 -1.71 -9.16 4.49
CA ASP C 86 -2.90 -9.37 3.65
C ASP C 86 -3.05 -10.80 3.16
N ASP C 87 -3.91 -10.97 2.16
CA ASP C 87 -4.27 -12.29 1.63
C ASP C 87 -3.18 -12.88 0.76
N CYS C 88 -2.27 -12.04 0.28
CA CYS C 88 -1.04 -12.48 -0.38
C CYS C 88 0.13 -12.64 0.60
N GLY C 89 -0.13 -12.45 1.89
CA GLY C 89 0.90 -12.52 2.93
C GLY C 89 1.88 -11.38 2.78
N GLN C 90 1.42 -10.27 2.24
CA GLN C 90 2.24 -9.11 2.07
C GLN C 90 1.88 -8.07 3.14
N LEU C 91 2.87 -7.32 3.59
CA LEU C 91 2.69 -6.30 4.61
C LEU C 91 1.79 -5.20 4.07
N VAL C 92 0.94 -4.66 4.94
CA VAL C 92 0.08 -3.53 4.61
C VAL C 92 -0.04 -2.67 5.87
N LEU C 93 0.11 -1.36 5.69
CA LEU C 93 -0.14 -0.35 6.71
C LEU C 93 -1.59 0.08 6.56
N GLU C 94 -2.39 -0.17 7.59
CA GLU C 94 -3.81 0.16 7.57
C GLU C 94 -4.20 1.15 8.66
N ALA C 95 -5.29 1.88 8.43
CA ALA C 95 -5.89 2.72 9.47
C ALA C 95 -7.38 2.67 9.28
N ARG C 96 -8.05 2.29 10.36
CA ARG C 96 -9.48 2.13 10.33
C ARG C 96 -10.10 3.32 11.00
N LEU C 97 -10.86 4.11 10.26
CA LEU C 97 -11.46 5.32 10.78
C LEU C 97 -12.99 5.15 10.87
N ARG C 98 -13.54 5.47 12.03
CA ARG C 98 -14.99 5.55 12.21
C ARG C 98 -15.56 6.80 11.60
N LEU C 99 -16.43 6.60 10.63
CA LEU C 99 -17.11 7.71 9.98
C LEU C 99 -18.00 8.55 10.91
N GLN C 100 -18.47 7.99 12.03
CA GLN C 100 -19.29 8.77 12.98
C GLN C 100 -18.54 9.99 13.52
N GLU C 101 -17.22 9.91 13.50
CA GLU C 101 -16.37 10.83 14.22
C GLU C 101 -15.39 11.56 13.27
N LEU C 102 -15.47 11.29 11.98
CA LEU C 102 -14.43 11.75 11.07
C LEU C 102 -14.86 13.00 10.35
N ASP C 103 -14.02 14.04 10.37
CA ASP C 103 -14.26 15.18 9.50
C ASP C 103 -13.08 15.29 8.51
N THR C 104 -13.15 16.29 7.66
CA THR C 104 -12.15 16.38 6.62
C THR C 104 -10.75 16.63 7.24
N HIS C 105 -10.74 17.47 8.27
CA HIS C 105 -9.51 17.73 9.02
C HIS C 105 -8.90 16.42 9.50
N GLY C 106 -9.75 15.58 10.08
CA GLY C 106 -9.29 14.33 10.62
C GLY C 106 -8.76 13.37 9.58
N LEU C 107 -9.41 13.31 8.44
CA LEU C 107 -8.98 12.49 7.30
C LEU C 107 -7.60 12.97 6.85
N GLN C 108 -7.45 14.26 6.68
CA GLN C 108 -6.16 14.78 6.26
C GLN C 108 -5.06 14.43 7.28
N GLU C 109 -5.36 14.59 8.56
CA GLU C 109 -4.38 14.27 9.60
C GLU C 109 -3.95 12.79 9.49
N VAL C 110 -4.90 11.86 9.31
CA VAL C 110 -4.53 10.45 9.28
C VAL C 110 -3.71 10.11 8.03
N ILE C 111 -4.02 10.78 6.92
CA ILE C 111 -3.25 10.64 5.70
C ILE C 111 -1.84 11.12 5.95
N ASN C 112 -1.68 12.28 6.58
CA ASN C 112 -0.37 12.81 6.95
C ASN C 112 0.40 11.79 7.79
N GLN C 114 -0.12 8.53 7.89
CA GLN C 114 0.16 7.35 7.05
C GLN C 114 1.51 7.57 6.32
N LEU C 115 1.69 8.74 5.71
CA LEU C 115 2.84 9.01 4.88
C LEU C 115 4.06 9.12 5.76
N ALA C 116 3.85 9.69 6.95
CA ALA C 116 4.93 9.81 7.91
C ALA C 116 5.49 8.44 8.31
N LEU C 117 4.58 7.49 8.62
CA LEU C 117 5.02 6.16 8.98
C LEU C 117 5.64 5.43 7.78
N LEU C 118 5.08 5.60 6.58
CA LEU C 118 5.68 4.99 5.39
C LEU C 118 7.11 5.42 5.16
N GLU C 119 7.34 6.71 5.32
CA GLU C 119 8.67 7.28 5.17
C GLU C 119 9.66 6.79 6.22
N HIS C 120 9.14 6.38 7.37
CA HIS C 120 9.93 5.74 8.40
C HIS C 120 10.21 4.26 8.09
N LEU C 121 9.20 3.56 7.57
CA LEU C 121 9.27 2.10 7.39
C LEU C 121 10.02 1.67 6.12
N ILE C 122 9.69 2.33 5.03
CA ILE C 122 10.12 1.87 3.71
C ILE C 122 11.64 1.70 3.64
N PRO C 123 12.40 2.68 4.17
CA PRO C 123 13.85 2.50 4.14
C PRO C 123 14.37 1.21 4.80
N GLN C 124 13.63 0.69 5.78
CA GLN C 124 14.01 -0.53 6.45
C GLN C 124 13.72 -1.78 5.65
N LEU C 125 13.00 -1.67 4.53
CA LEU C 125 12.54 -2.84 3.77
C LEU C 125 13.01 -2.81 2.31
N THR C 126 14.13 -2.15 2.07
CA THR C 126 14.54 -1.79 0.71
C THR C 126 16.00 -1.34 0.74
N PRO C 127 16.71 -1.37 -0.41
CA PRO C 127 18.17 -1.38 -0.53
C PRO C 127 18.98 -1.04 0.73
#